data_1UYM
#
_entry.id   1UYM
#
_cell.length_a   66.861
_cell.length_b   90.707
_cell.length_c   96.289
_cell.angle_alpha   90.00
_cell.angle_beta   90.00
_cell.angle_gamma   90.00
#
_symmetry.space_group_name_H-M   'I 2 2 2'
#
loop_
_entity.id
_entity.type
_entity.pdbx_description
1 polymer 'HEAT SHOCK PROTEIN HSP 90-BETA'
2 non-polymer 9-BUTYL-8-(3,4,5-TRIMETHOXYBENZYL)-9H-PURIN-6-AMINE
3 water water
#
_entity_poly.entity_id   1
_entity_poly.type   'polypeptide(L)'
_entity_poly.pdbx_seq_one_letter_code
;PEEVHHGEEEVETFAFQAEIAQLMSLIINTFYSNKEIFLRELISNASDALDKIRYESLTDPSKLDSGKELKIDIIPNPQE
RTLTLVDTGIGMTKADLINNLGTIAKSGTKAFMEALQAGADISMIGQFGVGFYSAYLVAEKVVVITKHNDDEQYAWESSA
GGSFTVRADHGEPIGRGTKVILHLKEDQTEYLEERRVKEVVKKHSQFIGYPITLYLEKER
;
_entity_poly.pdbx_strand_id   A
#
# COMPACT_ATOMS: atom_id res chain seq x y z
N GLU A 10 7.63 -6.97 20.95
CA GLU A 10 6.23 -7.40 21.09
C GLU A 10 5.35 -7.46 19.83
N VAL A 11 5.55 -8.51 19.05
CA VAL A 11 4.76 -8.81 17.88
C VAL A 11 3.44 -9.49 18.25
N GLU A 12 2.33 -8.89 17.83
CA GLU A 12 1.02 -9.51 17.95
C GLU A 12 0.69 -10.11 16.57
N THR A 13 0.20 -11.34 16.56
CA THR A 13 -0.17 -12.02 15.33
C THR A 13 -1.69 -12.16 15.23
N PHE A 14 -2.26 -11.80 14.09
CA PHE A 14 -3.69 -11.89 13.87
C PHE A 14 -3.99 -12.66 12.61
N ALA A 15 -5.15 -13.32 12.58
CA ALA A 15 -5.59 -13.99 11.37
C ALA A 15 -6.45 -13.01 10.56
N PHE A 16 -6.30 -13.01 9.23
CA PHE A 16 -7.21 -12.27 8.39
C PHE A 16 -8.59 -12.93 8.52
N GLN A 17 -9.62 -12.19 8.17
CA GLN A 17 -10.91 -12.83 7.90
C GLN A 17 -10.74 -13.77 6.72
N ALA A 18 -11.46 -14.89 6.75
CA ALA A 18 -11.31 -15.96 5.77
C ALA A 18 -11.41 -15.49 4.35
N GLU A 19 -12.33 -14.56 4.12
CA GLU A 19 -12.58 -13.99 2.79
C GLU A 19 -11.38 -13.22 2.24
N ILE A 20 -10.65 -12.55 3.13
CA ILE A 20 -9.49 -11.75 2.73
C ILE A 20 -8.29 -12.64 2.51
N ALA A 21 -8.15 -13.69 3.34
CA ALA A 21 -7.21 -14.77 3.07
C ALA A 21 -7.47 -15.44 1.71
N GLN A 22 -8.74 -15.57 1.35
CA GLN A 22 -9.11 -16.17 0.07
C GLN A 22 -8.84 -15.23 -1.12
N LEU A 23 -9.13 -13.96 -0.93
CA LEU A 23 -8.71 -12.92 -1.87
C LEU A 23 -7.20 -12.93 -2.10
N MET A 24 -6.43 -12.93 -1.01
CA MET A 24 -4.96 -12.99 -1.10
C MET A 24 -4.43 -14.22 -1.84
N SER A 25 -4.95 -15.41 -1.52
CA SER A 25 -4.59 -16.62 -2.28
C SER A 25 -4.93 -16.47 -3.77
N LEU A 26 -6.13 -16.00 -4.07
CA LEU A 26 -6.54 -15.78 -5.44
C LEU A 26 -5.53 -14.89 -6.18
N ILE A 27 -5.18 -13.76 -5.57
CA ILE A 27 -4.17 -12.85 -6.12
C ILE A 27 -2.77 -13.46 -6.25
N ILE A 28 -2.37 -14.33 -5.33
CA ILE A 28 -1.11 -15.04 -5.46
C ILE A 28 -1.16 -16.18 -6.50
N ASN A 29 -2.23 -16.98 -6.48
CA ASN A 29 -2.27 -18.20 -7.30
C ASN A 29 -2.71 -18.05 -8.75
N THR A 30 -3.62 -17.12 -9.01
CA THR A 30 -4.16 -16.89 -10.35
C THR A 30 -3.07 -16.44 -11.35
N PHE A 31 -3.07 -17.06 -12.54
CA PHE A 31 -2.20 -16.65 -13.63
C PHE A 31 -2.70 -15.35 -14.23
N TYR A 32 -1.93 -14.29 -14.03
CA TYR A 32 -2.33 -12.96 -14.45
C TYR A 32 -1.08 -12.14 -14.69
N SER A 33 -0.82 -11.83 -15.96
CA SER A 33 0.44 -11.20 -16.33
C SER A 33 0.49 -9.69 -16.19
N ASN A 34 -0.66 -9.02 -16.23
CA ASN A 34 -0.69 -7.55 -16.17
C ASN A 34 -0.53 -7.02 -14.74
N LYS A 35 0.59 -7.42 -14.13
CA LYS A 35 0.89 -7.16 -12.71
C LYS A 35 1.15 -5.69 -12.35
N GLU A 36 1.58 -4.90 -13.33
CA GLU A 36 2.02 -3.53 -13.09
C GLU A 36 0.98 -2.60 -12.45
N ILE A 37 -0.30 -3.03 -12.41
CA ILE A 37 -1.37 -2.25 -11.78
C ILE A 37 -1.26 -2.14 -10.24
N PHE A 38 -0.33 -2.92 -9.66
CA PHE A 38 -0.04 -2.81 -8.24
C PHE A 38 0.36 -1.37 -7.95
N LEU A 39 1.14 -0.79 -8.87
CA LEU A 39 1.70 0.54 -8.65
C LEU A 39 0.64 1.65 -8.65
N ARG A 40 -0.23 1.65 -9.66
CA ARG A 40 -1.37 2.55 -9.72
C ARG A 40 -2.22 2.51 -8.43
N GLU A 41 -2.50 1.32 -7.89
CA GLU A 41 -3.41 1.18 -6.74
C GLU A 41 -2.80 1.76 -5.48
N LEU A 42 -1.51 1.49 -5.29
CA LEU A 42 -0.78 1.95 -4.13
C LEU A 42 -0.57 3.46 -4.14
N ILE A 43 -0.23 4.02 -5.31
CA ILE A 43 -0.15 5.48 -5.47
C ILE A 43 -1.52 6.14 -5.18
N SER A 44 -2.60 5.47 -5.60
CA SER A 44 -3.94 6.00 -5.41
C SER A 44 -4.33 6.03 -3.93
N ASN A 45 -4.06 4.94 -3.21
CA ASN A 45 -4.20 4.90 -1.74
C ASN A 45 -3.44 6.04 -1.06
N ALA A 46 -2.22 6.30 -1.54
CA ALA A 46 -1.37 7.41 -1.11
C ALA A 46 -1.99 8.79 -1.40
N SER A 47 -2.50 8.98 -2.62
CA SER A 47 -3.17 10.22 -3.00
C SER A 47 -4.40 10.47 -2.12
N ASP A 48 -5.23 9.44 -1.94
CA ASP A 48 -6.40 9.51 -1.07
C ASP A 48 -6.03 9.97 0.35
N ALA A 49 -5.02 9.31 0.94
CA ALA A 49 -4.47 9.68 2.23
C ALA A 49 -3.98 11.14 2.30
N LEU A 50 -3.39 11.60 1.19
CA LEU A 50 -2.92 12.99 1.12
C LEU A 50 -4.09 13.98 0.98
N ASP A 51 -5.10 13.62 0.18
CA ASP A 51 -6.35 14.38 0.08
C ASP A 51 -6.96 14.56 1.46
N LYS A 52 -6.95 13.49 2.26
CA LYS A 52 -7.60 13.48 3.57
C LYS A 52 -6.97 14.39 4.61
N ILE A 53 -5.64 14.40 4.70
CA ILE A 53 -4.96 15.28 5.64
C ILE A 53 -4.97 16.73 5.18
N ARG A 54 -4.95 16.93 3.86
CA ARG A 54 -5.08 18.28 3.29
C ARG A 54 -6.45 18.87 3.65
N TYR A 55 -7.51 18.09 3.45
CA TYR A 55 -8.85 18.57 3.76
C TYR A 55 -9.05 18.86 5.26
N GLU A 56 -8.61 17.95 6.11
CA GLU A 56 -8.73 18.13 7.56
C GLU A 56 -8.00 19.35 8.10
N SER A 57 -6.94 19.78 7.42
CA SER A 57 -6.10 20.87 7.91
C SER A 57 -6.58 22.27 7.57
N LEU A 58 -7.68 22.37 6.82
CA LEU A 58 -8.28 23.68 6.54
C LEU A 58 -9.05 24.17 7.75
N THR A 59 -9.51 23.23 8.58
CA THR A 59 -10.25 23.53 9.80
C THR A 59 -9.45 23.23 11.06
N ASP A 60 -8.28 22.61 10.88
CA ASP A 60 -7.37 22.30 11.98
C ASP A 60 -5.93 22.31 11.44
N PRO A 61 -5.34 23.49 11.27
CA PRO A 61 -4.01 23.60 10.67
C PRO A 61 -2.88 23.00 11.52
N SER A 62 -3.18 22.64 12.77
CA SER A 62 -2.23 21.97 13.66
C SER A 62 -2.01 20.52 13.23
N LYS A 63 -2.83 20.05 12.29
CA LYS A 63 -2.72 18.69 11.77
C LYS A 63 -1.50 18.48 10.87
N LEU A 64 -0.82 19.59 10.54
CA LEU A 64 0.39 19.55 9.71
C LEU A 64 1.65 19.81 10.53
N ASP A 65 1.50 19.94 11.85
CA ASP A 65 2.64 20.18 12.72
C ASP A 65 3.64 19.02 12.64
N SER A 66 3.15 17.85 12.25
CA SER A 66 3.95 16.65 12.02
C SER A 66 4.53 16.55 10.60
N GLY A 67 4.46 17.65 9.84
CA GLY A 67 4.95 17.67 8.46
C GLY A 67 4.07 18.47 7.52
N LYS A 68 4.66 19.49 6.88
CA LYS A 68 3.94 20.35 5.93
C LYS A 68 3.91 19.81 4.51
N GLU A 69 5.01 19.16 4.07
CA GLU A 69 5.10 18.63 2.71
C GLU A 69 4.10 17.51 2.45
N LEU A 70 3.33 17.64 1.38
CA LEU A 70 2.39 16.63 0.95
C LEU A 70 2.96 16.01 -0.32
N LYS A 71 3.47 14.79 -0.20
CA LYS A 71 4.25 14.17 -1.29
C LYS A 71 4.24 12.64 -1.30
N ILE A 72 4.74 12.09 -2.40
CA ILE A 72 4.90 10.64 -2.58
C ILE A 72 6.28 10.39 -3.13
N ASP A 73 7.00 9.46 -2.50
CA ASP A 73 8.32 9.03 -2.98
C ASP A 73 8.28 7.55 -3.39
N ILE A 74 8.82 7.23 -4.57
CA ILE A 74 8.99 5.82 -4.95
C ILE A 74 10.46 5.44 -5.04
N ILE A 75 10.89 4.54 -4.15
CA ILE A 75 12.29 4.23 -3.95
C ILE A 75 12.63 2.76 -4.22
N PRO A 76 13.28 2.48 -5.34
CA PRO A 76 13.78 1.14 -5.63
C PRO A 76 15.13 0.85 -4.95
N ASN A 77 15.33 -0.41 -4.57
CA ASN A 77 16.56 -0.86 -3.96
C ASN A 77 16.88 -2.29 -4.39
N PRO A 78 17.62 -2.43 -5.48
CA PRO A 78 17.94 -3.74 -6.08
C PRO A 78 18.61 -4.78 -5.16
N GLN A 79 19.42 -4.35 -4.20
CA GLN A 79 20.15 -5.29 -3.39
C GLN A 79 19.41 -5.70 -2.08
N GLU A 80 18.50 -4.85 -1.63
CA GLU A 80 17.53 -5.23 -0.59
C GLU A 80 16.33 -5.94 -1.24
N ARG A 81 16.20 -5.76 -2.55
CA ARG A 81 15.07 -6.26 -3.34
C ARG A 81 13.71 -5.63 -2.94
N THR A 82 13.73 -4.33 -2.64
CA THR A 82 12.52 -3.66 -2.18
C THR A 82 12.10 -2.54 -3.11
N LEU A 83 10.79 -2.29 -3.14
CA LEU A 83 10.23 -1.09 -3.72
C LEU A 83 9.40 -0.40 -2.65
N THR A 84 9.82 0.78 -2.20
CA THR A 84 9.06 1.52 -1.20
C THR A 84 8.25 2.68 -1.76
N LEU A 85 6.98 2.76 -1.35
CA LEU A 85 6.14 3.93 -1.61
C LEU A 85 5.86 4.62 -0.28
N VAL A 86 6.43 5.82 -0.15
CA VAL A 86 6.35 6.66 1.04
C VAL A 86 5.42 7.83 0.74
N ASP A 87 4.36 7.99 1.52
CA ASP A 87 3.52 9.19 1.46
C ASP A 87 3.52 9.93 2.79
N THR A 88 3.18 11.23 2.77
CA THR A 88 3.00 12.00 4.00
C THR A 88 1.52 12.34 4.22
N GLY A 89 0.66 11.38 3.91
CA GLY A 89 -0.78 11.54 4.12
C GLY A 89 -1.21 11.37 5.57
N ILE A 90 -2.49 11.08 5.74
CA ILE A 90 -3.11 11.00 7.08
C ILE A 90 -2.54 9.84 7.92
N GLY A 91 -2.03 8.81 7.26
CA GLY A 91 -1.54 7.66 7.97
C GLY A 91 -2.67 6.79 8.52
N MET A 92 -2.30 5.78 9.30
CA MET A 92 -3.23 4.77 9.80
C MET A 92 -2.99 4.47 11.27
N THR A 93 -4.05 4.39 12.05
CA THR A 93 -3.97 4.02 13.46
C THR A 93 -3.78 2.49 13.67
N LYS A 94 -3.51 2.10 14.92
CA LYS A 94 -3.53 0.68 15.34
C LYS A 94 -4.88 0.03 15.05
N ALA A 95 -5.96 0.75 15.31
CA ALA A 95 -7.31 0.26 15.06
C ALA A 95 -7.60 -0.03 13.58
N ASP A 96 -7.08 0.80 12.67
CA ASP A 96 -7.25 0.58 11.24
C ASP A 96 -6.60 -0.74 10.86
N LEU A 97 -5.34 -0.90 11.27
CA LEU A 97 -4.51 -2.06 10.89
C LEU A 97 -5.12 -3.40 11.32
N ILE A 98 -5.67 -3.43 12.54
CA ILE A 98 -6.23 -4.64 13.14
C ILE A 98 -7.71 -4.89 12.84
N ASN A 99 -8.55 -3.86 13.00
CA ASN A 99 -10.01 -4.02 12.90
C ASN A 99 -10.69 -3.24 11.76
N ASN A 100 -10.55 -1.91 11.77
CA ASN A 100 -11.36 -1.02 10.95
C ASN A 100 -11.24 -1.27 9.44
N LEU A 101 -10.02 -1.45 8.96
CA LEU A 101 -9.78 -1.55 7.53
C LEU A 101 -10.30 -2.88 6.98
N GLY A 102 -10.13 -3.95 7.74
CA GLY A 102 -10.65 -5.27 7.39
C GLY A 102 -12.16 -5.35 7.39
N THR A 103 -12.81 -4.51 8.20
CA THR A 103 -14.27 -4.45 8.30
C THR A 103 -14.87 -3.91 7.01
N ILE A 104 -14.37 -2.75 6.57
CA ILE A 104 -14.70 -2.16 5.28
C ILE A 104 -14.36 -3.11 4.12
N ALA A 105 -13.14 -3.66 4.14
CA ALA A 105 -12.66 -4.56 3.09
C ALA A 105 -13.53 -5.81 2.87
N LYS A 106 -14.30 -6.21 3.88
CA LYS A 106 -15.08 -7.46 3.80
C LYS A 106 -16.03 -7.47 2.60
N SER A 107 -16.94 -6.49 2.57
CA SER A 107 -17.90 -6.30 1.49
C SER A 107 -17.25 -6.08 0.12
N GLY A 108 -16.14 -5.35 0.11
CA GLY A 108 -15.41 -5.06 -1.12
C GLY A 108 -14.86 -6.31 -1.75
N THR A 109 -14.24 -7.14 -0.90
CA THR A 109 -13.74 -8.46 -1.28
C THR A 109 -14.83 -9.37 -1.85
N LYS A 110 -16.04 -9.30 -1.32
CA LYS A 110 -17.13 -10.18 -1.75
C LYS A 110 -17.62 -9.78 -3.15
N ALA A 111 -18.02 -8.51 -3.29
CA ALA A 111 -18.37 -7.95 -4.59
C ALA A 111 -17.31 -8.18 -5.67
N PHE A 112 -16.03 -8.02 -5.32
CA PHE A 112 -14.94 -8.24 -6.27
C PHE A 112 -14.88 -9.70 -6.74
N MET A 113 -14.89 -10.62 -5.79
CA MET A 113 -14.90 -12.05 -6.07
C MET A 113 -16.03 -12.40 -7.02
N GLU A 114 -17.24 -11.93 -6.69
CA GLU A 114 -18.43 -12.14 -7.51
C GLU A 114 -18.23 -11.59 -8.92
N ALA A 115 -17.51 -10.48 -9.01
CA ALA A 115 -17.19 -9.85 -10.29
C ALA A 115 -16.14 -10.60 -11.11
N LEU A 116 -15.19 -11.26 -10.44
CA LEU A 116 -14.19 -12.09 -11.13
C LEU A 116 -14.84 -13.32 -11.75
N GLN A 117 -15.50 -14.13 -10.93
CA GLN A 117 -16.58 -15.01 -11.40
C GLN A 117 -17.44 -14.03 -12.19
N ALA A 118 -18.01 -14.43 -13.32
CA ALA A 118 -18.76 -13.48 -14.14
C ALA A 118 -17.87 -12.57 -15.01
N GLY A 119 -16.56 -12.80 -14.97
CA GLY A 119 -15.66 -12.31 -15.99
C GLY A 119 -15.12 -10.89 -15.96
N ALA A 120 -15.05 -10.28 -14.77
CA ALA A 120 -14.21 -9.11 -14.60
C ALA A 120 -12.78 -9.60 -14.39
N ASP A 121 -11.80 -8.71 -14.57
CA ASP A 121 -10.42 -9.12 -14.39
C ASP A 121 -9.77 -8.44 -13.18
N ILE A 122 -8.55 -8.84 -12.86
CA ILE A 122 -7.86 -8.37 -11.67
C ILE A 122 -7.55 -6.87 -11.67
N SER A 123 -7.33 -6.27 -12.84
CA SER A 123 -7.03 -4.84 -12.92
C SER A 123 -8.14 -3.96 -12.35
N MET A 124 -9.35 -4.54 -12.29
CA MET A 124 -10.53 -3.86 -11.77
C MET A 124 -10.61 -3.85 -10.23
N ILE A 125 -9.64 -4.49 -9.58
CA ILE A 125 -9.56 -4.62 -8.10
C ILE A 125 -9.83 -3.33 -7.30
N GLY A 126 -9.42 -2.18 -7.84
CA GLY A 126 -9.49 -0.92 -7.14
C GLY A 126 -10.88 -0.36 -6.91
N GLN A 127 -11.82 -0.73 -7.80
CA GLN A 127 -13.22 -0.29 -7.71
C GLN A 127 -13.99 -0.91 -6.55
N PHE A 128 -13.33 -1.80 -5.80
CA PHE A 128 -13.98 -2.54 -4.73
C PHE A 128 -13.28 -2.27 -3.40
N GLY A 129 -12.36 -1.30 -3.42
CA GLY A 129 -11.64 -0.84 -2.23
C GLY A 129 -10.62 -1.82 -1.65
N VAL A 130 -10.22 -2.81 -2.44
CA VAL A 130 -9.23 -3.78 -2.00
C VAL A 130 -7.91 -3.71 -2.79
N GLY A 131 -7.65 -2.55 -3.41
CA GLY A 131 -6.51 -2.36 -4.29
C GLY A 131 -5.17 -2.59 -3.64
N PHE A 132 -5.07 -2.32 -2.34
CA PHE A 132 -3.88 -2.60 -1.55
C PHE A 132 -3.36 -4.01 -1.81
N TYR A 133 -4.25 -4.99 -1.79
CA TYR A 133 -3.85 -6.39 -1.92
C TYR A 133 -3.29 -6.74 -3.31
N SER A 134 -3.34 -5.78 -4.23
CA SER A 134 -2.71 -5.97 -5.54
C SER A 134 -1.18 -5.98 -5.38
N ALA A 135 -0.71 -5.50 -4.23
CA ALA A 135 0.70 -5.59 -3.85
C ALA A 135 1.21 -7.02 -3.97
N TYR A 136 0.37 -7.99 -3.59
CA TYR A 136 0.75 -9.41 -3.65
C TYR A 136 0.82 -9.99 -5.06
N LEU A 137 0.49 -9.17 -6.06
CA LEU A 137 0.79 -9.54 -7.44
C LEU A 137 2.29 -9.67 -7.64
N VAL A 138 3.06 -8.80 -6.97
CA VAL A 138 4.52 -8.68 -7.13
C VAL A 138 5.36 -8.95 -5.87
N ALA A 139 4.76 -8.76 -4.68
CA ALA A 139 5.48 -8.85 -3.41
C ALA A 139 5.21 -10.14 -2.61
N GLU A 140 6.30 -10.78 -2.16
CA GLU A 140 6.24 -12.00 -1.36
C GLU A 140 5.92 -11.64 0.10
N LYS A 141 6.34 -10.44 0.49
CA LYS A 141 6.12 -9.90 1.82
C LYS A 141 5.90 -8.40 1.72
N VAL A 142 4.92 -7.89 2.45
CA VAL A 142 4.63 -6.48 2.48
C VAL A 142 4.77 -5.96 3.90
N VAL A 143 5.58 -4.91 4.08
CA VAL A 143 5.73 -4.25 5.37
C VAL A 143 5.22 -2.82 5.27
N VAL A 144 4.34 -2.43 6.20
CA VAL A 144 3.74 -1.10 6.20
C VAL A 144 4.15 -0.36 7.47
N ILE A 145 4.90 0.72 7.31
CA ILE A 145 5.21 1.61 8.42
C ILE A 145 4.30 2.81 8.30
N THR A 146 3.56 3.09 9.38
CA THR A 146 2.56 4.14 9.33
C THR A 146 2.49 4.95 10.63
N LYS A 147 2.02 6.19 10.53
CA LYS A 147 1.92 7.11 11.65
C LYS A 147 0.76 8.09 11.45
N HIS A 148 -0.22 8.03 12.35
CA HIS A 148 -1.37 8.95 12.38
C HIS A 148 -1.15 9.90 13.53
N ASN A 149 -1.63 11.13 13.38
CA ASN A 149 -1.51 12.16 14.43
C ASN A 149 -2.00 11.73 15.84
N ASP A 150 -3.06 10.94 15.91
CA ASP A 150 -3.61 10.52 17.21
C ASP A 150 -3.01 9.24 17.81
N ASP A 151 -1.96 8.71 17.19
CA ASP A 151 -1.44 7.40 17.55
C ASP A 151 0.09 7.30 17.43
N GLU A 152 0.63 6.17 17.92
CA GLU A 152 2.04 5.84 17.78
C GLU A 152 2.32 5.32 16.38
N GLN A 153 3.59 5.34 15.99
CA GLN A 153 4.04 4.66 14.78
C GLN A 153 3.91 3.14 14.90
N TYR A 154 3.47 2.52 13.81
CA TYR A 154 3.30 1.08 13.78
C TYR A 154 3.91 0.42 12.57
N ALA A 155 4.32 -0.84 12.76
CA ALA A 155 4.70 -1.72 11.67
C ALA A 155 3.69 -2.86 11.49
N TRP A 156 3.02 -2.83 10.33
CA TRP A 156 2.15 -3.90 9.89
C TRP A 156 2.94 -4.78 8.92
N GLU A 157 2.80 -6.09 9.02
CA GLU A 157 3.54 -6.98 8.12
C GLU A 157 2.74 -8.24 7.79
N SER A 158 2.75 -8.65 6.52
CA SER A 158 2.20 -9.95 6.12
C SER A 158 2.84 -10.56 4.87
N SER A 159 3.12 -11.85 4.93
CA SER A 159 3.61 -12.62 3.79
C SER A 159 2.47 -13.53 3.31
N ALA A 160 1.25 -13.11 3.58
CA ALA A 160 0.05 -13.91 3.36
C ALA A 160 0.03 -15.15 4.27
N GLY A 161 -0.37 -16.29 3.73
CA GLY A 161 -0.48 -17.49 4.54
C GLY A 161 -1.55 -17.42 5.61
N GLY A 162 -2.41 -16.40 5.56
CA GLY A 162 -3.54 -16.28 6.47
C GLY A 162 -3.36 -15.37 7.67
N SER A 163 -2.17 -14.80 7.82
CA SER A 163 -1.87 -13.96 8.97
C SER A 163 -1.16 -12.65 8.63
N PHE A 164 -1.30 -11.70 9.56
CA PHE A 164 -0.50 -10.50 9.64
C PHE A 164 -0.06 -10.26 11.08
N THR A 165 0.95 -9.41 11.24
CA THR A 165 1.39 -8.94 12.55
C THR A 165 1.37 -7.40 12.69
N VAL A 166 1.14 -6.95 13.92
CA VAL A 166 1.17 -5.52 14.24
C VAL A 166 1.99 -5.33 15.51
N ARG A 167 2.94 -4.40 15.44
CA ARG A 167 3.81 -4.05 16.58
C ARG A 167 4.11 -2.55 16.58
N ALA A 168 4.37 -2.00 17.77
CA ALA A 168 4.91 -0.66 17.89
C ALA A 168 6.25 -0.63 17.18
N ASP A 169 6.46 0.37 16.32
CA ASP A 169 7.71 0.50 15.57
C ASP A 169 8.53 1.63 16.16
N HIS A 170 9.66 1.26 16.77
CA HIS A 170 10.57 2.25 17.34
C HIS A 170 11.78 2.52 16.44
N GLY A 171 11.63 2.30 15.13
CA GLY A 171 12.64 2.70 14.16
C GLY A 171 12.61 4.21 13.94
N GLU A 172 13.21 4.67 12.85
CA GLU A 172 13.20 6.10 12.52
C GLU A 172 11.76 6.60 12.37
N PRO A 173 11.40 7.68 13.08
CA PRO A 173 10.09 8.33 12.90
C PRO A 173 9.83 8.73 11.46
N ILE A 174 8.62 8.53 10.97
CA ILE A 174 8.27 9.06 9.67
C ILE A 174 7.53 10.39 9.77
N GLY A 175 7.19 10.80 10.99
CA GLY A 175 6.56 12.09 11.24
C GLY A 175 5.05 11.99 11.19
N ARG A 176 4.56 11.65 10.02
CA ARG A 176 3.15 11.38 9.74
C ARG A 176 3.10 10.75 8.36
N GLY A 177 2.25 9.75 8.20
CA GLY A 177 2.08 9.14 6.88
C GLY A 177 2.33 7.66 6.81
N THR A 178 2.71 7.18 5.63
CA THR A 178 2.78 5.74 5.35
C THR A 178 3.91 5.32 4.43
N LYS A 179 4.64 4.29 4.85
CA LYS A 179 5.72 3.66 4.10
C LYS A 179 5.30 2.22 3.73
N VAL A 180 5.04 1.96 2.46
CA VAL A 180 4.73 0.60 1.99
C VAL A 180 5.97 -0.05 1.37
N ILE A 181 6.51 -1.05 2.05
CA ILE A 181 7.70 -1.72 1.58
C ILE A 181 7.33 -3.04 0.94
N LEU A 182 7.53 -3.10 -0.38
CA LEU A 182 7.22 -4.28 -1.16
C LEU A 182 8.50 -5.09 -1.29
N HIS A 183 8.51 -6.26 -0.68
CA HIS A 183 9.60 -7.22 -0.83
C HIS A 183 9.21 -8.07 -2.02
N LEU A 184 9.88 -7.81 -3.15
CA LEU A 184 9.44 -8.34 -4.43
C LEU A 184 9.81 -9.80 -4.67
N LYS A 185 9.00 -10.46 -5.47
CA LYS A 185 9.19 -11.83 -5.87
C LYS A 185 10.38 -11.89 -6.81
N GLU A 186 11.11 -13.01 -6.75
CA GLU A 186 12.27 -13.27 -7.61
C GLU A 186 12.03 -12.84 -9.05
N ASP A 187 10.84 -13.12 -9.59
CA ASP A 187 10.55 -12.89 -11.00
C ASP A 187 10.08 -11.49 -11.31
N GLN A 188 9.97 -10.65 -10.27
CA GLN A 188 9.39 -9.31 -10.39
C GLN A 188 10.37 -8.16 -10.19
N THR A 189 11.65 -8.39 -10.50
CA THR A 189 12.70 -7.42 -10.25
C THR A 189 12.73 -6.27 -11.24
N GLU A 190 12.01 -6.40 -12.34
CA GLU A 190 11.89 -5.30 -13.30
C GLU A 190 11.42 -3.99 -12.64
N TYR A 191 10.66 -4.12 -11.56
CA TYR A 191 10.15 -2.99 -10.77
C TYR A 191 11.16 -2.35 -9.81
N LEU A 192 12.33 -2.96 -9.70
CA LEU A 192 13.46 -2.36 -8.98
C LEU A 192 14.20 -1.33 -9.84
N GLU A 193 13.78 -1.19 -11.09
CA GLU A 193 14.40 -0.25 -12.02
C GLU A 193 13.55 0.98 -12.25
N GLU A 194 14.16 2.15 -12.11
CA GLU A 194 13.42 3.42 -12.14
C GLU A 194 12.89 3.69 -13.54
N ARG A 195 13.61 3.23 -14.55
CA ARG A 195 13.18 3.34 -15.93
C ARG A 195 11.90 2.53 -16.21
N ARG A 196 11.75 1.40 -15.53
CA ARG A 196 10.52 0.63 -15.59
C ARG A 196 9.40 1.26 -14.77
N VAL A 197 9.72 1.71 -13.56
CA VAL A 197 8.76 2.39 -12.68
C VAL A 197 8.23 3.66 -13.31
N LYS A 198 9.12 4.47 -13.89
CA LYS A 198 8.76 5.69 -14.64
C LYS A 198 7.76 5.40 -15.76
N GLU A 199 8.01 4.34 -16.52
CA GLU A 199 7.09 3.93 -17.55
C GLU A 199 5.68 3.63 -16.99
N VAL A 200 5.61 2.92 -15.86
CA VAL A 200 4.31 2.54 -15.27
C VAL A 200 3.55 3.74 -14.68
N VAL A 201 4.26 4.63 -13.99
CA VAL A 201 3.70 5.89 -13.51
C VAL A 201 3.11 6.73 -14.67
N LYS A 202 3.76 6.73 -15.83
CA LYS A 202 3.29 7.55 -16.96
C LYS A 202 1.97 7.06 -17.52
N LYS A 203 1.87 5.73 -17.69
CA LYS A 203 0.68 5.12 -18.30
C LYS A 203 -0.55 5.18 -17.41
N HIS A 204 -0.34 5.22 -16.09
CA HIS A 204 -1.43 5.10 -15.12
C HIS A 204 -1.62 6.26 -14.14
N SER A 205 -0.53 6.88 -13.69
CA SER A 205 -0.59 7.81 -12.58
C SER A 205 -0.01 9.19 -12.89
N GLN A 206 -0.13 9.62 -14.14
CA GLN A 206 0.52 10.84 -14.62
C GLN A 206 -0.12 12.13 -14.10
N PHE A 207 -1.36 12.02 -13.62
CA PHE A 207 -2.12 13.20 -13.17
C PHE A 207 -2.39 13.26 -11.68
N ILE A 208 -1.66 12.48 -10.90
CA ILE A 208 -1.77 12.57 -9.44
C ILE A 208 -1.39 14.01 -9.00
N GLY A 209 -2.23 14.63 -8.19
CA GLY A 209 -2.04 16.02 -7.77
C GLY A 209 -1.14 16.20 -6.57
N TYR A 210 -0.07 15.40 -6.53
CA TYR A 210 0.99 15.51 -5.56
C TYR A 210 2.28 15.11 -6.24
N PRO A 211 3.39 15.79 -5.93
CA PRO A 211 4.69 15.47 -6.54
C PRO A 211 5.12 14.03 -6.23
N ILE A 212 5.35 13.26 -7.28
CA ILE A 212 5.84 11.90 -7.16
C ILE A 212 7.30 11.88 -7.60
N THR A 213 8.21 11.73 -6.64
CA THR A 213 9.63 11.63 -6.94
C THR A 213 9.99 10.16 -7.12
N LEU A 214 10.55 9.84 -8.28
CA LEU A 214 11.02 8.49 -8.55
C LEU A 214 12.54 8.45 -8.33
N TYR A 215 12.94 7.86 -7.21
CA TYR A 215 14.36 7.73 -6.87
C TYR A 215 15.07 6.82 -7.87
N LEU A 216 16.37 6.99 -7.97
CA LEU A 216 17.18 6.17 -8.86
C LEU A 216 18.01 5.21 -8.05
N GLU A 217 18.10 3.97 -8.53
CA GLU A 217 19.04 2.97 -8.02
C GLU A 217 20.45 3.55 -8.02
N LYS A 218 21.20 3.28 -6.96
CA LYS A 218 22.63 3.58 -6.98
C LYS A 218 23.39 2.51 -7.78
N GLU A 219 22.73 1.37 -8.00
CA GLU A 219 23.31 0.15 -8.56
C GLU A 219 23.95 0.23 -9.96
N ARG A 220 23.26 0.44 -10.96
#